data_5YXG
#
_entry.id   5YXG
#
_cell.length_a   50.106
_cell.length_b   83.160
_cell.length_c   149.403
_cell.angle_alpha   90.00
_cell.angle_beta   90.00
_cell.angle_gamma   90.00
#
_symmetry.space_group_name_H-M   'P 21 21 21'
#
loop_
_entity.id
_entity.type
_entity.pdbx_description
1 polymer 'Pilus assembly protein'
2 polymer 'Pilus assembly protein'
3 non-polymer 'CHLORIDE ION'
4 water water
#
loop_
_entity_poly.entity_id
_entity_poly.type
_entity_poly.pdbx_seq_one_letter_code
_entity_poly.pdbx_strand_id
1 'polypeptide(L)'
;LYPKDSLVTKNLTEINEQAVATKDLHDVAVGDVLTYQVQFQIPHDIGALADHSQDTFKYNQFKVLDY(SME)TKEGLTFK
ALTAITVDGQDILKALTGKMAF(SME)SSNDAAWQQTHNYPFGFELDFLGGTDPDAVRNLLTQYAGKRVTVAYTGIVNEK
MIPDQKVGNTAEVSFDPDSKITVNGPEIQTGGIRFFKHEAGSSKSLANATFILQRMNGNVREYAVLEGVNGMAGTYQPTK
ITWTTNQDAATRLKTSGAETANLTIQGLLPGRYTLVETAAPEGYEILDPTTDFEVIAGTWGTKTIRIANTPVNQLLPLEH
HHHHH
;
A
2 'polypeptide(L)'
;LYPKDSLVTKNLTEINEQAVATKDLHDVAVGDVLTYQVQFQIPHDIGALADHSQDTFKYNQFKVLDYMTKEGLTFKALTA
ITVDGQDILKALTGKMAFMSSNDAAWQQTHNYPFGFELDFLGGTDPDAVRNLLTQYAGKRVTVAYTGIVNEKMIPDQKVG
NTAEVSFDPDSKITVNGPEIQTGGIRFFKHEAGSSKSLANATFILQRMNGNVREYAVLEGVNGMAGTYQPTKITWTTNQD
AATRLKTSGAETANLTIQGLLPGRYTLVETAAPEGYEILDPTTDFEVIAGTWGTKTIRIANTPVNQLLPLEHHHHHH
;
B
#
loop_
_chem_comp.id
_chem_comp.type
_chem_comp.name
_chem_comp.formula
CL non-polymer 'CHLORIDE ION' 'Cl -1'
#
# COMPACT_ATOMS: atom_id res chain seq x y z
N VAL A 8 -6.68 -15.98 -31.22
CA VAL A 8 -7.37 -16.24 -29.92
C VAL A 8 -6.67 -15.46 -28.83
N THR A 9 -7.46 -14.80 -27.96
CA THR A 9 -6.93 -14.05 -26.83
C THR A 9 -7.58 -14.55 -25.55
N LYS A 10 -6.85 -14.41 -24.45
CA LYS A 10 -7.41 -14.67 -23.13
C LYS A 10 -6.96 -13.61 -22.14
N ASN A 11 -7.92 -13.02 -21.44
CA ASN A 11 -7.62 -11.96 -20.45
C ASN A 11 -8.41 -12.13 -19.18
N LEU A 12 -7.80 -11.67 -18.09
CA LEU A 12 -8.50 -11.47 -16.82
C LEU A 12 -8.98 -10.04 -16.78
N THR A 13 -10.30 -9.82 -16.77
CA THR A 13 -10.87 -8.51 -16.99
C THR A 13 -11.42 -7.85 -15.76
N GLU A 14 -11.90 -8.63 -14.79
CA GLU A 14 -12.45 -8.09 -13.56
C GLU A 14 -12.07 -8.89 -12.34
N ILE A 15 -12.07 -8.23 -11.20
CA ILE A 15 -11.97 -8.91 -9.91
C ILE A 15 -13.11 -8.37 -9.07
N ASN A 16 -13.93 -9.27 -8.55
CA ASN A 16 -15.13 -8.89 -7.78
C ASN A 16 -15.94 -7.86 -8.54
N GLU A 17 -16.08 -8.12 -9.83
CA GLU A 17 -16.94 -7.35 -10.72
C GLU A 17 -16.51 -5.91 -10.86
N GLN A 18 -15.22 -5.66 -10.66
CA GLN A 18 -14.63 -4.39 -10.94
C GLN A 18 -13.53 -4.56 -11.94
N ALA A 19 -13.51 -3.69 -12.95
CA ALA A 19 -12.52 -3.78 -14.01
C ALA A 19 -11.13 -3.54 -13.45
N VAL A 20 -10.17 -4.33 -13.92
CA VAL A 20 -8.80 -4.16 -13.53
C VAL A 20 -7.98 -3.97 -14.79
N ALA A 21 -6.86 -3.26 -14.63
CA ALA A 21 -5.92 -3.03 -15.73
C ALA A 21 -5.39 -4.36 -16.26
N THR A 22 -5.18 -4.42 -17.57
CA THR A 22 -4.66 -5.61 -18.20
C THR A 22 -3.17 -5.68 -17.90
N LYS A 23 -2.77 -6.80 -17.29
CA LYS A 23 -1.36 -7.18 -17.19
C LYS A 23 -1.28 -8.68 -17.10
N ASP A 24 -0.07 -9.20 -17.25
CA ASP A 24 0.13 -10.63 -17.34
C ASP A 24 0.31 -11.28 -15.97
N LEU A 25 0.35 -10.47 -14.91
CA LEU A 25 0.45 -10.99 -13.54
C LEU A 25 -0.46 -10.19 -12.65
N HIS A 26 -1.32 -10.89 -11.93
CA HIS A 26 -2.26 -10.23 -10.97
C HIS A 26 -2.13 -10.83 -9.60
N ASP A 27 -2.18 -9.96 -8.60
CA ASP A 27 -2.31 -10.37 -7.19
C ASP A 27 -3.79 -10.52 -6.84
N VAL A 28 -4.13 -11.66 -6.23
CA VAL A 28 -5.50 -11.97 -5.87
C VAL A 28 -5.59 -12.34 -4.39
N ALA A 29 -6.79 -12.20 -3.84
CA ALA A 29 -7.11 -12.59 -2.48
C ALA A 29 -8.02 -13.81 -2.52
N VAL A 30 -7.96 -14.62 -1.48
CA VAL A 30 -8.83 -15.77 -1.41
C VAL A 30 -10.28 -15.32 -1.29
N GLY A 31 -11.14 -15.98 -2.06
CA GLY A 31 -12.53 -15.61 -2.20
C GLY A 31 -12.83 -14.66 -3.34
N ASP A 32 -11.80 -14.09 -3.94
CA ASP A 32 -12.00 -13.22 -5.11
C ASP A 32 -12.71 -13.97 -6.22
N VAL A 33 -13.65 -13.29 -6.87
CA VAL A 33 -14.27 -13.76 -8.07
C VAL A 33 -13.59 -13.10 -9.25
N LEU A 34 -12.98 -13.93 -10.09
CA LEU A 34 -12.19 -13.45 -11.21
C LEU A 34 -12.98 -13.65 -12.47
N THR A 35 -13.11 -12.59 -13.28
CA THR A 35 -13.74 -12.68 -14.58
C THR A 35 -12.69 -12.77 -15.67
N TYR A 36 -12.83 -13.76 -16.54
CA TYR A 36 -11.97 -13.95 -17.67
C TYR A 36 -12.78 -13.88 -18.96
N GLN A 37 -12.09 -13.56 -20.05
CA GLN A 37 -12.66 -13.57 -21.40
C GLN A 37 -11.74 -14.30 -22.33
N VAL A 38 -12.29 -15.21 -23.10
CA VAL A 38 -11.57 -15.85 -24.19
C VAL A 38 -12.23 -15.44 -25.51
N GLN A 39 -11.47 -14.82 -26.40
CA GLN A 39 -12.03 -14.25 -27.62
C GLN A 39 -11.38 -14.88 -28.84
N PHE A 40 -12.19 -15.14 -29.86
CA PHE A 40 -11.72 -15.83 -31.08
C PHE A 40 -12.70 -15.54 -32.20
N GLN A 41 -12.34 -15.90 -33.42
CA GLN A 41 -13.15 -15.58 -34.57
C GLN A 41 -14.06 -16.73 -34.98
N ILE A 42 -15.30 -16.41 -35.27
CA ILE A 42 -16.18 -17.35 -35.97
C ILE A 42 -15.75 -17.40 -37.44
N PRO A 43 -15.47 -18.60 -37.96
CA PRO A 43 -15.02 -18.65 -39.37
C PRO A 43 -16.01 -17.99 -40.31
N HIS A 44 -15.49 -17.35 -41.36
CA HIS A 44 -16.37 -16.73 -42.37
C HIS A 44 -17.28 -17.77 -43.03
N ASP A 45 -16.84 -19.03 -43.05
CA ASP A 45 -17.59 -20.11 -43.72
C ASP A 45 -18.18 -21.12 -42.71
N ILE A 46 -18.45 -20.65 -41.50
CA ILE A 46 -18.99 -21.49 -40.45
C ILE A 46 -20.24 -22.24 -40.88
N GLY A 47 -21.03 -21.64 -41.77
CA GLY A 47 -22.24 -22.27 -42.26
C GLY A 47 -22.08 -23.18 -43.49
N ALA A 48 -20.85 -23.34 -43.99
CA ALA A 48 -20.64 -23.95 -45.32
C ALA A 48 -20.88 -25.44 -45.33
N LEU A 49 -21.37 -25.94 -46.45
CA LEU A 49 -21.37 -27.35 -46.74
C LEU A 49 -19.96 -27.82 -47.04
N ALA A 50 -19.70 -29.08 -46.70
CA ALA A 50 -18.42 -29.70 -46.95
C ALA A 50 -18.11 -29.72 -48.43
N THR A 56 -24.08 -32.24 -45.70
CA THR A 56 -23.00 -32.49 -44.74
C THR A 56 -22.14 -31.22 -44.54
N PHE A 57 -21.98 -30.80 -43.29
CA PHE A 57 -21.42 -29.48 -42.98
C PHE A 57 -19.92 -29.53 -42.87
N LYS A 58 -19.26 -28.46 -43.29
CA LYS A 58 -17.83 -28.38 -43.15
C LYS A 58 -17.41 -28.42 -41.67
N TYR A 59 -18.17 -27.74 -40.83
CA TYR A 59 -17.85 -27.62 -39.41
C TYR A 59 -18.82 -28.41 -38.59
N ASN A 60 -18.30 -29.38 -37.84
CA ASN A 60 -19.11 -30.14 -36.91
C ASN A 60 -18.54 -30.09 -35.50
N GLN A 61 -17.49 -29.29 -35.32
CA GLN A 61 -16.92 -29.05 -34.00
C GLN A 61 -16.46 -27.61 -33.92
N PHE A 62 -16.70 -26.97 -32.78
CA PHE A 62 -16.19 -25.64 -32.54
C PHE A 62 -16.01 -25.54 -31.03
N LYS A 63 -14.81 -25.90 -30.58
CA LYS A 63 -14.57 -26.31 -29.20
C LYS A 63 -13.65 -25.31 -28.56
N VAL A 64 -13.96 -24.96 -27.30
CA VAL A 64 -13.08 -24.15 -26.45
C VAL A 64 -12.78 -24.98 -25.22
N LEU A 65 -11.52 -25.30 -25.01
CA LEU A 65 -11.07 -25.98 -23.81
C LEU A 65 -10.17 -25.02 -23.03
N ASP A 66 -10.49 -24.82 -21.77
CA ASP A 66 -9.75 -23.86 -20.94
C ASP A 66 -9.40 -24.62 -19.65
N TYR A 67 -8.14 -24.59 -19.25
CA TYR A 67 -7.73 -25.34 -18.09
C TYR A 67 -6.59 -24.69 -17.35
N SME A 68 -6.41 -25.14 -16.10
CA SME A 68 -5.27 -24.76 -15.28
CB SME A 68 -5.76 -23.98 -14.07
CG SME A 68 -6.10 -22.54 -14.46
S SME A 68 -6.73 -21.72 -13.11
OE SME A 68 -7.27 -20.40 -13.54
CE SME A 68 -5.30 -21.47 -12.21
C SME A 68 -4.63 -26.07 -14.83
O SME A 68 -5.36 -27.02 -14.47
N THR A 69 -3.31 -26.13 -14.83
CA THR A 69 -2.62 -27.34 -14.35
C THR A 69 -2.41 -27.30 -12.84
N LYS A 70 -2.44 -26.11 -12.25
CA LYS A 70 -2.24 -25.94 -10.81
C LYS A 70 -3.54 -25.58 -10.10
N GLU A 71 -3.61 -25.92 -8.83
CA GLU A 71 -4.75 -25.64 -7.99
C GLU A 71 -4.80 -24.16 -7.64
N GLY A 72 -5.99 -23.72 -7.24
CA GLY A 72 -6.17 -22.39 -6.72
C GLY A 72 -7.46 -21.73 -7.13
N LEU A 73 -8.08 -22.21 -8.21
CA LEU A 73 -9.33 -21.62 -8.69
C LEU A 73 -10.45 -22.68 -8.77
N THR A 74 -11.65 -22.28 -8.38
CA THR A 74 -12.86 -23.11 -8.54
C THR A 74 -13.73 -22.48 -9.63
N PHE A 75 -14.19 -23.26 -10.60
CA PHE A 75 -15.06 -22.74 -11.63
C PHE A 75 -16.36 -22.26 -11.02
N LYS A 76 -16.82 -21.07 -11.44
CA LYS A 76 -18.07 -20.53 -10.94
C LYS A 76 -19.14 -20.62 -12.03
N ALA A 77 -19.00 -19.85 -13.10
CA ALA A 77 -20.04 -19.83 -14.11
C ALA A 77 -19.53 -19.39 -15.45
N LEU A 78 -20.15 -19.92 -16.48
CA LEU A 78 -20.09 -19.35 -17.81
C LEU A 78 -21.08 -18.16 -17.87
N THR A 79 -20.58 -16.94 -17.96
CA THR A 79 -21.40 -15.75 -17.67
C THR A 79 -22.00 -15.11 -18.92
N ALA A 80 -21.28 -15.14 -20.04
CA ALA A 80 -21.76 -14.49 -21.26
C ALA A 80 -21.02 -15.02 -22.47
N ILE A 81 -21.71 -15.02 -23.60
CA ILE A 81 -21.08 -15.28 -24.88
C ILE A 81 -21.54 -14.17 -25.80
N THR A 82 -20.63 -13.29 -26.20
N THR A 82 -20.63 -13.29 -26.20
CA THR A 82 -21.02 -12.05 -26.83
CA THR A 82 -21.02 -12.05 -26.83
C THR A 82 -20.36 -11.91 -28.19
C THR A 82 -20.36 -11.91 -28.19
N VAL A 83 -21.09 -11.33 -29.13
CA VAL A 83 -20.51 -11.00 -30.43
C VAL A 83 -21.19 -9.76 -30.95
N ASP A 84 -20.40 -8.77 -31.37
CA ASP A 84 -20.94 -7.50 -31.88
C ASP A 84 -21.87 -6.79 -30.87
N GLY A 85 -21.57 -6.91 -29.57
CA GLY A 85 -22.40 -6.32 -28.51
C GLY A 85 -23.67 -7.08 -28.18
N GLN A 86 -23.88 -8.21 -28.84
CA GLN A 86 -25.04 -9.05 -28.57
C GLN A 86 -24.63 -10.25 -27.70
N ASP A 87 -25.28 -10.41 -26.56
CA ASP A 87 -25.11 -11.64 -25.73
C ASP A 87 -25.98 -12.73 -26.34
N ILE A 88 -25.36 -13.80 -26.80
CA ILE A 88 -26.08 -14.88 -27.42
C ILE A 88 -26.14 -16.12 -26.53
N LEU A 89 -25.65 -16.01 -25.28
CA LEU A 89 -25.65 -17.16 -24.39
C LEU A 89 -27.08 -17.65 -24.14
N LYS A 90 -28.02 -16.72 -23.96
CA LYS A 90 -29.41 -17.12 -23.70
C LYS A 90 -29.95 -17.98 -24.85
N ALA A 91 -29.63 -17.60 -26.09
CA ALA A 91 -30.09 -18.35 -27.25
C ALA A 91 -29.41 -19.72 -27.38
N LEU A 92 -28.17 -19.81 -26.92
CA LEU A 92 -27.33 -21.00 -27.09
C LEU A 92 -27.52 -22.04 -25.96
N THR A 93 -27.92 -21.55 -24.80
CA THR A 93 -28.01 -22.36 -23.59
C THR A 93 -28.87 -23.62 -23.79
N GLY A 94 -28.28 -24.76 -23.41
CA GLY A 94 -28.92 -26.06 -23.53
C GLY A 94 -28.73 -26.73 -24.88
N LYS A 95 -28.18 -26.02 -25.86
CA LYS A 95 -28.00 -26.57 -27.21
C LYS A 95 -26.61 -27.12 -27.49
N MET A 96 -25.67 -26.78 -26.60
CA MET A 96 -24.26 -27.03 -26.79
C MET A 96 -23.79 -28.10 -25.84
N ALA A 97 -22.52 -28.49 -25.99
CA ALA A 97 -21.88 -29.39 -25.05
C ALA A 97 -21.04 -28.58 -24.08
N PHE A 98 -21.24 -28.81 -22.78
CA PHE A 98 -20.51 -28.07 -21.76
C PHE A 98 -20.19 -28.96 -20.57
N SME A 99 -18.95 -28.91 -20.11
CA SME A 99 -18.53 -29.55 -18.86
CB SME A 99 -17.94 -30.94 -19.20
CG SME A 99 -17.57 -31.79 -17.99
S SME A 99 -16.59 -33.17 -18.39
OE SME A 99 -15.55 -32.79 -19.33
CE SME A 99 -17.72 -34.09 -19.33
C SME A 99 -17.53 -28.65 -18.18
O SME A 99 -16.77 -27.98 -18.85
N SER A 100 -17.58 -28.59 -16.85
CA SER A 100 -16.55 -27.88 -16.09
C SER A 100 -15.94 -28.79 -15.03
N SER A 101 -14.95 -28.25 -14.34
CA SER A 101 -14.28 -28.96 -13.30
C SER A 101 -15.14 -29.15 -12.05
N ASN A 102 -16.36 -28.61 -12.07
CA ASN A 102 -17.34 -28.88 -11.01
C ASN A 102 -18.13 -30.13 -11.27
N ASP A 103 -18.02 -30.68 -12.47
CA ASP A 103 -18.77 -31.87 -12.88
C ASP A 103 -18.00 -33.16 -12.56
N ALA A 104 -18.71 -34.19 -12.13
CA ALA A 104 -18.09 -35.45 -11.69
C ALA A 104 -17.24 -36.11 -12.77
N ALA A 105 -17.60 -35.90 -14.03
CA ALA A 105 -16.90 -36.52 -15.14
C ALA A 105 -15.58 -35.83 -15.50
N TRP A 106 -15.35 -34.64 -14.97
CA TRP A 106 -14.28 -33.79 -15.48
C TRP A 106 -12.93 -34.44 -15.30
N GLN A 107 -12.64 -34.89 -14.09
CA GLN A 107 -11.27 -35.30 -13.77
C GLN A 107 -10.79 -36.41 -14.72
N GLN A 108 -11.69 -37.32 -15.03
CA GLN A 108 -11.35 -38.47 -15.85
C GLN A 108 -11.32 -38.10 -17.32
N THR A 109 -12.04 -37.04 -17.70
CA THR A 109 -12.04 -36.57 -19.10
C THR A 109 -10.85 -35.65 -19.43
N HIS A 110 -10.56 -34.74 -18.50
CA HIS A 110 -9.52 -33.76 -18.62
C HIS A 110 -8.85 -33.65 -17.27
N ASN A 111 -7.64 -34.15 -17.13
CA ASN A 111 -7.05 -34.37 -15.80
C ASN A 111 -6.34 -33.09 -15.33
N TYR A 112 -7.15 -32.08 -15.04
CA TYR A 112 -6.70 -30.75 -14.59
C TYR A 112 -7.55 -30.35 -13.41
N PRO A 113 -6.99 -29.62 -12.44
CA PRO A 113 -7.82 -29.22 -11.28
C PRO A 113 -8.93 -28.17 -11.58
N PHE A 114 -8.77 -27.41 -12.65
CA PHE A 114 -9.74 -26.38 -13.03
C PHE A 114 -9.89 -26.43 -14.52
N GLY A 115 -11.11 -26.18 -14.98
CA GLY A 115 -11.32 -25.83 -16.36
C GLY A 115 -12.74 -25.99 -16.82
N PHE A 116 -12.93 -25.78 -18.11
CA PHE A 116 -14.18 -26.14 -18.76
C PHE A 116 -13.92 -26.47 -20.20
N GLU A 117 -14.87 -27.19 -20.79
CA GLU A 117 -14.88 -27.39 -22.22
C GLU A 117 -16.28 -27.08 -22.77
N LEU A 118 -16.31 -26.22 -23.77
CA LEU A 118 -17.55 -25.81 -24.43
C LEU A 118 -17.41 -26.21 -25.88
N ASP A 119 -18.30 -27.05 -26.40
CA ASP A 119 -18.28 -27.40 -27.80
C ASP A 119 -19.59 -26.83 -28.38
N PHE A 120 -19.51 -25.72 -29.10
CA PHE A 120 -20.69 -25.06 -29.66
C PHE A 120 -21.53 -26.03 -30.51
N LEU A 121 -20.85 -26.97 -31.17
CA LEU A 121 -21.51 -27.85 -32.13
C LEU A 121 -21.48 -29.31 -31.69
N GLY A 122 -21.28 -29.52 -30.39
CA GLY A 122 -21.21 -30.89 -29.83
C GLY A 122 -22.39 -31.27 -28.98
N GLY A 123 -23.40 -30.42 -28.92
CA GLY A 123 -24.56 -30.63 -28.08
C GLY A 123 -25.69 -31.33 -28.81
N THR A 124 -26.90 -31.15 -28.32
CA THR A 124 -28.08 -31.80 -28.91
C THR A 124 -28.61 -31.05 -30.11
N ASP A 125 -28.23 -29.78 -30.27
CA ASP A 125 -28.81 -28.95 -31.35
C ASP A 125 -27.75 -28.17 -32.14
N PRO A 126 -26.79 -28.88 -32.73
CA PRO A 126 -25.73 -28.19 -33.46
C PRO A 126 -26.24 -27.38 -34.64
N ASP A 127 -27.29 -27.84 -35.33
CA ASP A 127 -27.76 -27.08 -36.50
C ASP A 127 -28.26 -25.70 -36.10
N ALA A 128 -29.02 -25.63 -35.00
CA ALA A 128 -29.51 -24.37 -34.48
C ALA A 128 -28.34 -23.46 -34.13
N VAL A 129 -27.30 -24.03 -33.49
CA VAL A 129 -26.16 -23.24 -33.08
C VAL A 129 -25.41 -22.77 -34.30
N ARG A 130 -25.18 -23.65 -35.26
CA ARG A 130 -24.47 -23.28 -36.47
C ARG A 130 -25.19 -22.18 -37.21
N ASN A 131 -26.51 -22.25 -37.25
CA ASN A 131 -27.30 -21.22 -37.93
C ASN A 131 -27.12 -19.88 -37.23
N LEU A 132 -27.11 -19.88 -35.89
CA LEU A 132 -26.92 -18.64 -35.16
C LEU A 132 -25.51 -18.08 -35.43
N LEU A 133 -24.49 -18.92 -35.35
CA LEU A 133 -23.11 -18.46 -35.60
C LEU A 133 -22.95 -17.92 -37.02
N THR A 134 -23.70 -18.46 -37.96
CA THR A 134 -23.63 -18.03 -39.36
C THR A 134 -24.08 -16.56 -39.50
N GLN A 135 -25.02 -16.14 -38.67
CA GLN A 135 -25.43 -14.72 -38.64
C GLN A 135 -24.28 -13.79 -38.27
N TYR A 136 -23.26 -14.32 -37.59
CA TYR A 136 -22.09 -13.55 -37.18
C TYR A 136 -20.79 -14.09 -37.79
N ALA A 137 -20.90 -14.69 -38.96
CA ALA A 137 -19.74 -15.27 -39.65
C ALA A 137 -18.62 -14.21 -39.81
N GLY A 138 -17.39 -14.60 -39.47
CA GLY A 138 -16.23 -13.69 -39.55
C GLY A 138 -16.03 -12.72 -38.39
N LYS A 139 -16.96 -12.71 -37.45
CA LYS A 139 -16.88 -11.80 -36.32
C LYS A 139 -16.23 -12.45 -35.11
N ARG A 140 -15.76 -11.61 -34.20
CA ARG A 140 -15.14 -12.09 -32.98
C ARG A 140 -16.18 -12.39 -31.91
N VAL A 141 -16.07 -13.58 -31.33
CA VAL A 141 -16.96 -14.00 -30.23
C VAL A 141 -16.17 -14.04 -28.96
N THR A 142 -16.78 -13.60 -27.86
CA THR A 142 -16.13 -13.63 -26.54
C THR A 142 -16.88 -14.53 -25.59
N VAL A 143 -16.17 -15.51 -25.05
CA VAL A 143 -16.71 -16.36 -24.00
C VAL A 143 -16.18 -15.82 -22.66
N ALA A 144 -17.09 -15.39 -21.79
CA ALA A 144 -16.74 -14.87 -20.47
C ALA A 144 -17.13 -15.86 -19.41
N TYR A 145 -16.31 -15.96 -18.37
CA TYR A 145 -16.59 -16.85 -17.28
C TYR A 145 -15.95 -16.35 -16.02
N THR A 146 -16.39 -16.90 -14.90
CA THR A 146 -15.83 -16.57 -13.63
C THR A 146 -15.27 -17.81 -12.91
N GLY A 147 -14.25 -17.54 -12.08
CA GLY A 147 -13.75 -18.50 -11.13
C GLY A 147 -13.55 -17.85 -9.80
N ILE A 148 -13.43 -18.67 -8.77
CA ILE A 148 -13.30 -18.22 -7.42
C ILE A 148 -11.95 -18.68 -6.88
N VAL A 149 -11.18 -17.76 -6.33
CA VAL A 149 -9.91 -18.11 -5.71
C VAL A 149 -10.21 -18.89 -4.43
N ASN A 150 -9.63 -20.08 -4.31
CA ASN A 150 -10.00 -20.99 -3.24
C ASN A 150 -8.85 -21.22 -2.27
N GLU A 151 -9.12 -22.01 -1.23
CA GLU A 151 -8.14 -22.25 -0.17
C GLU A 151 -6.89 -23.03 -0.62
N LYS A 152 -6.91 -23.59 -1.85
CA LYS A 152 -5.74 -24.25 -2.42
C LYS A 152 -4.85 -23.31 -3.18
N MET A 153 -5.24 -22.04 -3.27
CA MET A 153 -4.35 -21.00 -3.80
C MET A 153 -3.34 -20.62 -2.73
N ILE A 154 -2.12 -21.08 -2.91
CA ILE A 154 -1.06 -20.93 -1.94
C ILE A 154 -0.07 -19.86 -2.42
N PRO A 155 0.58 -19.19 -1.48
CA PRO A 155 1.66 -18.29 -1.88
C PRO A 155 2.84 -19.02 -2.52
N ASP A 156 3.75 -18.27 -3.13
CA ASP A 156 5.00 -18.79 -3.72
C ASP A 156 4.71 -19.56 -4.98
N GLN A 157 3.59 -19.27 -5.63
CA GLN A 157 3.20 -20.00 -6.82
C GLN A 157 2.45 -19.09 -7.78
N LYS A 158 3.01 -18.86 -8.96
CA LYS A 158 2.28 -18.22 -10.03
C LYS A 158 1.54 -19.26 -10.82
N VAL A 159 0.24 -19.09 -10.99
CA VAL A 159 -0.55 -20.08 -11.68
C VAL A 159 -1.29 -19.42 -12.84
N GLY A 160 -1.30 -20.08 -13.97
CA GLY A 160 -1.91 -19.52 -15.16
C GLY A 160 -2.89 -20.49 -15.75
N ASN A 161 -3.48 -20.11 -16.87
CA ASN A 161 -4.38 -21.01 -17.58
C ASN A 161 -4.06 -21.01 -19.06
N THR A 162 -4.64 -21.98 -19.75
CA THR A 162 -4.45 -22.16 -21.16
C THR A 162 -5.80 -22.38 -21.80
N ALA A 163 -6.03 -21.70 -22.92
CA ALA A 163 -7.25 -21.92 -23.71
C ALA A 163 -6.88 -22.41 -25.07
N GLU A 164 -7.65 -23.37 -25.55
CA GLU A 164 -7.45 -23.98 -26.88
C GLU A 164 -8.76 -23.92 -27.65
N VAL A 165 -8.69 -23.47 -28.89
CA VAL A 165 -9.85 -23.40 -29.76
C VAL A 165 -9.58 -24.33 -30.94
N SER A 166 -10.54 -25.22 -31.24
CA SER A 166 -10.33 -26.20 -32.31
C SER A 166 -11.59 -26.49 -33.09
N PHE A 167 -11.40 -26.83 -34.36
CA PHE A 167 -12.46 -27.32 -35.21
C PHE A 167 -12.33 -28.82 -35.55
N ASP A 168 -11.20 -29.44 -35.23
CA ASP A 168 -11.09 -30.92 -35.29
C ASP A 168 -10.14 -31.48 -34.23
N LYS A 172 -5.60 -27.15 -33.71
CA LYS A 172 -6.03 -26.24 -32.67
C LYS A 172 -5.15 -24.99 -32.60
N ILE A 173 -5.65 -23.96 -31.93
CA ILE A 173 -4.88 -22.77 -31.60
C ILE A 173 -4.91 -22.66 -30.09
N THR A 174 -3.77 -22.33 -29.49
CA THR A 174 -3.65 -22.28 -28.03
C THR A 174 -3.17 -20.90 -27.60
N VAL A 175 -3.66 -20.39 -26.47
CA VAL A 175 -3.10 -19.18 -25.85
C VAL A 175 -3.01 -19.38 -24.34
N ASN A 176 -2.10 -18.66 -23.71
CA ASN A 176 -2.03 -18.63 -22.25
C ASN A 176 -2.62 -17.35 -21.68
N GLY A 177 -3.40 -17.47 -20.62
CA GLY A 177 -3.90 -16.30 -19.92
C GLY A 177 -2.82 -15.72 -19.01
N PRO A 178 -3.16 -14.64 -18.30
CA PRO A 178 -2.26 -14.08 -17.32
C PRO A 178 -2.06 -15.04 -16.15
N GLU A 179 -1.04 -14.77 -15.36
CA GLU A 179 -0.79 -15.53 -14.16
C GLU A 179 -1.40 -14.80 -12.98
N ILE A 180 -1.80 -15.57 -11.99
CA ILE A 180 -2.24 -15.03 -10.71
C ILE A 180 -1.37 -15.59 -9.60
N GLN A 181 -1.30 -14.84 -8.53
CA GLN A 181 -0.54 -15.22 -7.33
C GLN A 181 -1.20 -14.59 -6.10
N THR A 182 -0.90 -15.14 -4.93
CA THR A 182 -1.42 -14.60 -3.67
C THR A 182 -0.31 -14.53 -2.64
N GLY A 183 -0.57 -13.80 -1.53
CA GLY A 183 0.40 -13.62 -0.47
C GLY A 183 0.03 -14.33 0.81
N GLY A 184 1.03 -14.50 1.64
CA GLY A 184 0.84 -15.03 2.97
C GLY A 184 1.86 -14.45 3.93
N ILE A 185 1.70 -14.82 5.19
CA ILE A 185 2.60 -14.38 6.23
C ILE A 185 2.62 -15.43 7.35
N ARG A 186 3.78 -15.54 8.00
CA ARG A 186 3.97 -16.42 9.14
C ARG A 186 4.55 -15.63 10.32
N PHE A 187 4.04 -15.95 11.52
CA PHE A 187 4.54 -15.40 12.75
C PHE A 187 4.96 -16.54 13.68
N PHE A 188 5.86 -16.23 14.59
CA PHE A 188 6.18 -17.12 15.68
C PHE A 188 6.10 -16.39 17.00
N LYS A 189 5.01 -16.68 17.73
CA LYS A 189 4.76 -16.10 19.03
C LYS A 189 5.46 -16.94 20.08
N HIS A 190 6.31 -16.29 20.85
CA HIS A 190 7.17 -17.00 21.78
C HIS A 190 7.31 -16.23 23.10
N GLU A 191 7.85 -16.92 24.10
CA GLU A 191 8.20 -16.30 25.37
C GLU A 191 9.42 -15.39 25.18
N ALA A 192 9.36 -14.16 25.72
CA ALA A 192 10.49 -13.28 25.65
C ALA A 192 11.75 -14.00 26.19
N GLY A 193 12.83 -13.87 25.44
CA GLY A 193 14.12 -14.41 25.89
C GLY A 193 14.40 -15.83 25.45
N SER A 194 13.44 -16.50 24.82
CA SER A 194 13.63 -17.88 24.39
C SER A 194 12.79 -18.20 23.15
N SER A 195 12.90 -19.41 22.65
N SER A 195 12.90 -19.42 22.67
CA SER A 195 12.09 -19.83 21.50
CA SER A 195 12.16 -19.89 21.51
C SER A 195 10.95 -20.74 21.89
C SER A 195 10.95 -20.73 21.89
N LYS A 196 10.52 -20.65 23.15
CA LYS A 196 9.37 -21.42 23.60
C LYS A 196 8.08 -20.90 22.92
N SER A 197 7.45 -21.78 22.16
CA SER A 197 6.21 -21.48 21.43
C SER A 197 5.08 -21.24 22.41
N LEU A 198 4.33 -20.14 22.22
CA LEU A 198 3.19 -19.83 23.07
C LEU A 198 1.88 -19.96 22.32
N ALA A 199 1.07 -20.92 22.77
CA ALA A 199 -0.24 -21.13 22.20
C ALA A 199 -1.25 -20.22 22.84
N ASN A 200 -2.34 -19.99 22.11
CA ASN A 200 -3.51 -19.26 22.62
C ASN A 200 -3.27 -17.80 22.92
N ALA A 201 -2.32 -17.20 22.20
CA ALA A 201 -2.28 -15.72 22.07
C ALA A 201 -3.32 -15.31 21.05
N THR A 202 -3.99 -14.19 21.26
CA THR A 202 -5.11 -13.78 20.40
C THR A 202 -4.80 -12.49 19.68
N PHE A 203 -5.04 -12.52 18.38
CA PHE A 203 -4.76 -11.42 17.50
C PHE A 203 -5.93 -11.14 16.58
N ILE A 204 -6.00 -9.92 16.07
CA ILE A 204 -6.84 -9.61 14.93
C ILE A 204 -5.96 -8.98 13.87
N LEU A 205 -6.39 -9.05 12.60
CA LEU A 205 -5.63 -8.49 11.50
C LEU A 205 -6.27 -7.20 11.00
N GLN A 206 -5.45 -6.14 10.94
CA GLN A 206 -5.92 -4.80 10.65
C GLN A 206 -5.22 -4.27 9.41
N ARG A 207 -5.94 -3.45 8.66
CA ARG A 207 -5.36 -2.67 7.56
C ARG A 207 -5.98 -1.28 7.50
N MET A 208 -5.35 -0.40 6.74
CA MET A 208 -5.95 0.89 6.39
C MET A 208 -6.37 0.88 4.94
N ASN A 209 -7.65 1.01 4.68
CA ASN A 209 -8.16 1.09 3.31
C ASN A 209 -8.45 2.55 3.08
N GLY A 210 -7.56 3.25 2.41
CA GLY A 210 -7.58 4.72 2.47
C GLY A 210 -7.39 5.18 3.90
N ASN A 211 -8.29 6.05 4.39
CA ASN A 211 -8.20 6.49 5.77
C ASN A 211 -9.07 5.65 6.69
N VAL A 212 -9.61 4.54 6.19
CA VAL A 212 -10.56 3.73 6.99
C VAL A 212 -9.84 2.52 7.58
N ARG A 213 -9.82 2.43 8.90
CA ARG A 213 -9.26 1.30 9.58
C ARG A 213 -10.23 0.14 9.55
N GLU A 214 -9.76 -1.00 9.08
CA GLU A 214 -10.61 -2.17 8.89
C GLU A 214 -9.95 -3.38 9.42
N TYR A 215 -10.76 -4.40 9.67
CA TYR A 215 -10.30 -5.62 10.32
C TYR A 215 -10.77 -6.84 9.57
N ALA A 216 -9.97 -7.89 9.57
CA ALA A 216 -10.24 -9.06 8.75
C ALA A 216 -11.30 -9.98 9.36
N VAL A 217 -12.21 -10.39 8.47
CA VAL A 217 -13.20 -11.44 8.76
C VAL A 217 -12.90 -12.64 7.85
N LEU A 218 -12.49 -13.74 8.48
CA LEU A 218 -12.09 -14.93 7.72
C LEU A 218 -13.23 -15.91 7.69
N GLU A 219 -13.65 -16.28 6.49
CA GLU A 219 -14.63 -17.33 6.30
C GLU A 219 -13.92 -18.69 6.20
N GLY A 220 -14.58 -19.72 6.68
CA GLY A 220 -14.08 -21.09 6.55
C GLY A 220 -13.00 -21.50 7.53
N VAL A 221 -12.86 -20.78 8.64
CA VAL A 221 -11.80 -21.08 9.61
C VAL A 221 -12.31 -21.45 11.00
N ASN A 222 -13.59 -21.77 11.12
CA ASN A 222 -14.10 -22.34 12.38
C ASN A 222 -13.32 -23.62 12.60
N GLY A 223 -12.78 -23.74 13.80
CA GLY A 223 -12.07 -24.94 14.15
C GLY A 223 -10.60 -24.91 13.82
N MET A 224 -10.13 -23.86 13.13
CA MET A 224 -8.70 -23.71 12.87
C MET A 224 -8.04 -22.87 13.96
N ALA A 225 -6.82 -23.24 14.31
CA ALA A 225 -5.99 -22.41 15.17
C ALA A 225 -4.56 -22.57 14.69
N GLY A 226 -3.81 -21.48 14.72
CA GLY A 226 -2.45 -21.51 14.25
C GLY A 226 -2.40 -21.28 12.75
N THR A 227 -2.75 -22.32 12.00
CA THR A 227 -2.73 -22.26 10.53
C THR A 227 -4.08 -21.82 10.01
N TYR A 228 -4.12 -20.70 9.31
CA TYR A 228 -5.38 -20.18 8.75
C TYR A 228 -5.35 -20.25 7.25
N GLN A 229 -6.32 -20.98 6.71
CA GLN A 229 -6.47 -21.20 5.29
C GLN A 229 -7.93 -20.86 4.97
N PRO A 230 -8.27 -19.57 5.00
CA PRO A 230 -9.68 -19.17 4.83
C PRO A 230 -10.18 -19.41 3.39
N THR A 231 -11.49 -19.51 3.24
CA THR A 231 -12.12 -19.54 1.93
C THR A 231 -12.46 -18.13 1.42
N LYS A 232 -12.44 -17.13 2.31
CA LYS A 232 -12.64 -15.76 1.93
C LYS A 232 -12.14 -14.88 3.03
N ILE A 233 -11.63 -13.71 2.66
CA ILE A 233 -11.27 -12.69 3.64
C ILE A 233 -12.01 -11.44 3.24
N THR A 234 -12.86 -10.96 4.13
CA THR A 234 -13.48 -9.66 3.97
C THR A 234 -13.06 -8.73 5.08
N TRP A 235 -13.48 -7.48 4.97
CA TRP A 235 -13.02 -6.43 5.85
C TRP A 235 -14.18 -5.67 6.44
N THR A 236 -14.08 -5.40 7.73
CA THR A 236 -15.14 -4.73 8.49
C THR A 236 -14.60 -3.53 9.25
N THR A 237 -15.44 -2.54 9.45
CA THR A 237 -15.10 -1.46 10.35
C THR A 237 -15.60 -1.69 11.77
N ASN A 238 -16.28 -2.83 12.02
CA ASN A 238 -16.67 -3.21 13.38
C ASN A 238 -15.59 -4.11 13.97
N GLN A 239 -14.75 -3.55 14.82
CA GLN A 239 -13.62 -4.27 15.36
C GLN A 239 -14.07 -5.56 16.08
N ASP A 240 -15.21 -5.52 16.75
CA ASP A 240 -15.69 -6.70 17.51
C ASP A 240 -16.09 -7.85 16.60
N ALA A 241 -16.32 -7.56 15.32
CA ALA A 241 -16.67 -8.61 14.36
C ALA A 241 -15.45 -9.25 13.73
N ALA A 242 -14.25 -8.70 13.97
CA ALA A 242 -13.04 -9.27 13.37
C ALA A 242 -12.80 -10.68 13.89
N THR A 243 -12.28 -11.54 13.03
CA THR A 243 -11.96 -12.91 13.45
C THR A 243 -10.79 -12.87 14.40
N ARG A 244 -10.95 -13.51 15.55
CA ARG A 244 -9.88 -13.63 16.52
C ARG A 244 -9.04 -14.82 16.10
N LEU A 245 -7.80 -14.53 15.76
CA LEU A 245 -6.83 -15.53 15.35
C LEU A 245 -6.03 -15.98 16.57
N LYS A 246 -5.79 -17.27 16.67
CA LYS A 246 -5.15 -17.85 17.85
C LYS A 246 -3.85 -18.51 17.43
N THR A 247 -2.80 -18.36 18.20
CA THR A 247 -1.56 -19.10 17.97
C THR A 247 -1.72 -20.56 18.43
N SER A 248 -1.08 -21.46 17.70
CA SER A 248 -0.89 -22.83 18.19
C SER A 248 0.37 -22.90 19.06
N GLY A 249 0.66 -24.11 19.53
CA GLY A 249 1.90 -24.40 20.21
C GLY A 249 2.98 -24.99 19.31
N ALA A 250 2.84 -24.81 18.01
CA ALA A 250 3.77 -25.38 17.03
C ALA A 250 5.14 -24.70 17.06
N GLU A 251 6.13 -25.40 16.52
CA GLU A 251 7.55 -25.09 16.73
C GLU A 251 8.19 -23.88 16.03
N THR A 252 7.81 -23.68 14.80
CA THR A 252 8.58 -22.90 13.79
C THR A 252 7.79 -21.61 13.43
N ALA A 253 6.50 -21.81 13.24
CA ALA A 253 5.57 -20.75 12.99
C ALA A 253 4.25 -21.20 13.57
N ASN A 254 3.70 -20.44 14.46
CA ASN A 254 2.48 -20.84 15.14
C ASN A 254 1.31 -19.92 14.88
N LEU A 255 1.46 -19.02 13.89
CA LEU A 255 0.31 -18.33 13.33
C LEU A 255 0.63 -18.02 11.89
N THR A 256 -0.16 -18.56 10.97
CA THR A 256 0.04 -18.28 9.56
C THR A 256 -1.26 -17.97 8.87
N ILE A 257 -1.18 -17.11 7.87
CA ILE A 257 -2.35 -16.68 7.12
C ILE A 257 -1.97 -16.64 5.67
N GLN A 258 -2.83 -17.16 4.82
CA GLN A 258 -2.63 -17.05 3.38
C GLN A 258 -3.84 -16.43 2.71
N GLY A 259 -3.65 -16.04 1.46
CA GLY A 259 -4.75 -15.49 0.64
C GLY A 259 -4.90 -14.00 0.71
N LEU A 260 -3.84 -13.31 1.10
CA LEU A 260 -3.86 -11.88 1.34
C LEU A 260 -3.31 -11.12 0.14
N LEU A 261 -3.84 -9.92 -0.07
CA LEU A 261 -3.23 -8.98 -1.01
C LEU A 261 -1.94 -8.40 -0.46
N PRO A 262 -1.03 -8.02 -1.36
CA PRO A 262 0.18 -7.37 -0.89
C PRO A 262 -0.09 -6.01 -0.28
N GLY A 263 0.79 -5.62 0.63
CA GLY A 263 0.73 -4.31 1.25
C GLY A 263 0.92 -4.37 2.75
N ARG A 264 0.67 -3.23 3.40
CA ARG A 264 0.92 -3.04 4.83
C ARG A 264 -0.27 -3.48 5.67
N TYR A 265 0.01 -4.21 6.75
CA TYR A 265 -1.00 -4.62 7.71
C TYR A 265 -0.46 -4.39 9.08
N THR A 266 -1.35 -4.52 10.07
CA THR A 266 -0.94 -4.57 11.46
C THR A 266 -1.58 -5.77 12.13
N LEU A 267 -0.76 -6.59 12.76
CA LEU A 267 -1.28 -7.68 13.60
C LEU A 267 -1.45 -7.13 15.00
N VAL A 268 -2.70 -7.11 15.47
CA VAL A 268 -3.04 -6.44 16.72
C VAL A 268 -3.29 -7.48 17.79
N GLU A 269 -2.51 -7.47 18.87
CA GLU A 269 -2.69 -8.48 19.91
C GLU A 269 -3.78 -8.03 20.83
N THR A 270 -4.85 -8.81 20.91
CA THR A 270 -5.99 -8.44 21.72
C THR A 270 -6.04 -9.18 23.06
N ALA A 271 -5.28 -10.29 23.20
CA ALA A 271 -5.12 -10.95 24.49
C ALA A 271 -3.89 -11.80 24.50
N ALA A 272 -3.03 -11.61 25.51
CA ALA A 272 -1.90 -12.50 25.72
C ALA A 272 -2.36 -13.87 26.20
N PRO A 273 -1.54 -14.91 26.00
CA PRO A 273 -1.89 -16.22 26.62
C PRO A 273 -1.89 -16.14 28.13
N GLU A 274 -2.54 -17.08 28.79
CA GLU A 274 -2.52 -17.16 30.24
C GLU A 274 -1.08 -17.25 30.73
N GLY A 275 -0.78 -16.46 31.73
CA GLY A 275 0.53 -16.43 32.34
C GLY A 275 1.49 -15.46 31.68
N TYR A 276 0.98 -14.70 30.71
CA TYR A 276 1.77 -13.73 29.97
C TYR A 276 1.05 -12.40 29.89
N GLU A 277 1.83 -11.36 29.66
CA GLU A 277 1.35 -10.07 29.25
C GLU A 277 1.87 -9.69 27.86
N ILE A 278 1.05 -8.93 27.15
CA ILE A 278 1.43 -8.37 25.87
C ILE A 278 2.68 -7.51 26.03
N LEU A 279 3.59 -7.65 25.08
CA LEU A 279 4.75 -6.77 24.93
C LEU A 279 4.56 -5.79 23.80
N ASP A 280 4.17 -6.31 22.63
CA ASP A 280 4.00 -5.51 21.40
C ASP A 280 2.53 -5.57 20.99
N PRO A 281 1.74 -4.57 21.40
CA PRO A 281 0.32 -4.58 21.05
C PRO A 281 0.06 -4.62 19.55
N THR A 282 0.94 -3.96 18.79
CA THR A 282 0.85 -3.91 17.33
C THR A 282 2.13 -4.41 16.71
N THR A 283 1.99 -5.22 15.68
CA THR A 283 3.12 -5.67 14.88
C THR A 283 2.81 -5.26 13.44
N ASP A 284 3.52 -4.25 12.95
CA ASP A 284 3.35 -3.80 11.58
C ASP A 284 4.14 -4.70 10.65
N PHE A 285 3.54 -5.11 9.56
CA PHE A 285 4.21 -5.99 8.64
C PHE A 285 3.73 -5.78 7.24
N GLU A 286 4.48 -6.34 6.30
CA GLU A 286 4.14 -6.30 4.90
C GLU A 286 3.88 -7.69 4.38
N VAL A 287 2.81 -7.83 3.59
CA VAL A 287 2.68 -8.94 2.68
C VAL A 287 3.37 -8.59 1.36
N ILE A 288 4.33 -9.43 1.00
CA ILE A 288 5.06 -9.30 -0.27
C ILE A 288 4.37 -10.06 -1.35
N ALA A 289 4.09 -9.39 -2.48
CA ALA A 289 3.26 -10.01 -3.53
C ALA A 289 3.75 -11.38 -3.92
N GLY A 290 2.85 -12.35 -3.87
CA GLY A 290 3.12 -13.67 -4.37
C GLY A 290 3.94 -14.57 -3.47
N THR A 291 4.26 -14.13 -2.26
CA THR A 291 5.16 -14.91 -1.40
C THR A 291 4.67 -14.96 0.03
N TRP A 292 5.40 -15.72 0.85
CA TRP A 292 5.17 -15.80 2.29
C TRP A 292 5.91 -14.69 3.07
N GLY A 293 6.66 -13.84 2.37
CA GLY A 293 7.35 -12.71 3.00
C GLY A 293 8.80 -13.03 3.24
N THR A 294 9.53 -12.00 3.67
CA THR A 294 10.96 -12.09 3.91
C THR A 294 11.34 -13.18 4.91
N LYS A 295 10.59 -13.23 6.00
CA LYS A 295 10.91 -14.13 7.07
C LYS A 295 9.66 -14.35 7.91
N THR A 296 9.72 -15.37 8.75
CA THR A 296 8.74 -15.56 9.80
C THR A 296 8.99 -14.51 10.85
N ILE A 297 7.92 -13.80 11.22
CA ILE A 297 8.05 -12.65 12.08
C ILE A 297 7.86 -13.09 13.55
N ARG A 298 8.91 -12.94 14.36
CA ARG A 298 8.88 -13.33 15.74
C ARG A 298 8.20 -12.26 16.58
N ILE A 299 7.35 -12.67 17.51
CA ILE A 299 6.69 -11.77 18.46
C ILE A 299 6.80 -12.32 19.87
N ALA A 300 7.40 -11.55 20.76
CA ALA A 300 7.56 -11.96 22.14
C ALA A 300 6.35 -11.58 22.98
N ASN A 301 6.09 -12.38 24.03
CA ASN A 301 5.19 -12.02 25.11
C ASN A 301 5.97 -12.13 26.42
N THR A 302 5.56 -11.35 27.40
CA THR A 302 6.31 -11.27 28.65
C THR A 302 5.74 -12.25 29.65
N PRO A 303 6.59 -13.13 30.20
CA PRO A 303 6.06 -14.08 31.18
C PRO A 303 5.86 -13.41 32.52
N VAL A 304 4.73 -13.69 33.16
CA VAL A 304 4.45 -13.08 34.45
C VAL A 304 4.04 -14.11 35.52
N ASN A 305 4.01 -15.40 35.17
CA ASN A 305 3.87 -16.50 36.15
C ASN A 305 5.10 -17.40 36.14
N LEU B 1 -34.07 8.82 0.12
CA LEU B 1 -32.92 9.53 0.73
C LEU B 1 -32.50 10.71 -0.17
N TYR B 2 -32.08 11.80 0.46
CA TYR B 2 -31.42 12.90 -0.25
C TYR B 2 -29.96 12.52 -0.55
N PRO B 3 -29.49 12.77 -1.78
CA PRO B 3 -28.08 12.44 -2.11
C PRO B 3 -27.12 13.16 -1.17
N LYS B 4 -26.27 12.38 -0.50
CA LYS B 4 -25.36 12.90 0.51
C LYS B 4 -24.13 12.01 0.57
N ASP B 5 -22.97 12.63 0.56
CA ASP B 5 -21.72 11.90 0.77
C ASP B 5 -20.83 12.73 1.69
N SER B 6 -20.72 12.23 2.91
CA SER B 6 -19.99 12.91 3.98
C SER B 6 -18.55 12.52 4.07
N LEU B 7 -18.09 11.67 3.16
CA LEU B 7 -16.74 11.13 3.28
C LEU B 7 -15.74 12.25 3.17
N VAL B 8 -14.72 12.15 3.98
CA VAL B 8 -13.55 13.02 3.88
C VAL B 8 -12.40 12.09 3.70
N THR B 9 -11.48 12.43 2.78
CA THR B 9 -10.24 11.68 2.67
C THR B 9 -9.06 12.60 2.83
N LYS B 10 -7.95 12.02 3.30
CA LYS B 10 -6.70 12.78 3.40
C LYS B 10 -5.55 11.90 2.96
N ASN B 11 -4.76 12.39 2.02
CA ASN B 11 -3.67 11.66 1.46
C ASN B 11 -2.44 12.49 1.29
N LEU B 12 -1.30 11.83 1.47
CA LEU B 12 -0.02 12.45 1.12
C LEU B 12 0.26 12.04 -0.31
N THR B 13 0.22 13.00 -1.24
CA THR B 13 0.18 12.67 -2.68
C THR B 13 1.50 12.82 -3.38
N GLU B 14 2.34 13.73 -2.89
CA GLU B 14 3.63 13.99 -3.50
C GLU B 14 4.68 14.32 -2.45
N ILE B 15 5.93 14.01 -2.79
CA ILE B 15 7.06 14.50 -2.03
C ILE B 15 8.01 15.15 -3.01
N ASN B 16 8.37 16.38 -2.71
CA ASN B 16 9.20 17.18 -3.62
C ASN B 16 8.61 17.17 -5.03
N GLU B 17 7.31 17.32 -5.06
CA GLU B 17 6.53 17.46 -6.30
C GLU B 17 6.59 16.25 -7.20
N GLN B 18 6.88 15.10 -6.60
CA GLN B 18 6.83 13.83 -7.31
C GLN B 18 5.86 12.89 -6.63
N ALA B 19 5.03 12.23 -7.41
CA ALA B 19 4.01 11.33 -6.86
C ALA B 19 4.62 10.21 -6.04
N VAL B 20 3.97 9.88 -4.93
CA VAL B 20 4.36 8.74 -4.13
C VAL B 20 3.20 7.78 -4.10
N ALA B 21 3.52 6.51 -3.90
CA ALA B 21 2.53 5.44 -3.81
C ALA B 21 1.56 5.73 -2.67
N THR B 22 0.32 5.31 -2.81
CA THR B 22 -0.66 5.55 -1.74
C THR B 22 -0.42 4.54 -0.63
N LYS B 23 -0.01 5.02 0.55
CA LYS B 23 0.31 4.17 1.70
C LYS B 23 -0.07 4.93 2.96
N ASP B 24 -0.26 4.21 4.06
CA ASP B 24 -0.59 4.84 5.33
C ASP B 24 0.64 5.23 6.14
N LEU B 25 1.82 4.99 5.59
CA LEU B 25 3.10 5.39 6.24
C LEU B 25 4.08 5.74 5.14
N HIS B 26 4.73 6.89 5.28
CA HIS B 26 5.83 7.28 4.40
C HIS B 26 7.07 7.69 5.17
N ASP B 27 8.19 7.34 4.58
CA ASP B 27 9.51 7.76 5.07
C ASP B 27 9.87 9.07 4.40
N VAL B 28 10.32 10.02 5.20
CA VAL B 28 10.67 11.35 4.73
C VAL B 28 12.09 11.72 5.14
N ALA B 29 12.68 12.62 4.37
CA ALA B 29 13.96 13.24 4.70
C ALA B 29 13.71 14.66 5.15
N VAL B 30 14.59 15.14 6.03
CA VAL B 30 14.49 16.53 6.45
C VAL B 30 14.64 17.46 5.25
N GLY B 31 13.78 18.47 5.22
CA GLY B 31 13.70 19.40 4.08
C GLY B 31 12.71 18.99 3.00
N ASP B 32 12.21 17.75 3.03
CA ASP B 32 11.23 17.31 2.04
C ASP B 32 10.00 18.22 2.10
N VAL B 33 9.45 18.50 0.92
CA VAL B 33 8.19 19.22 0.81
C VAL B 33 7.12 18.16 0.54
N LEU B 34 6.16 18.07 1.45
CA LEU B 34 5.10 17.10 1.36
C LEU B 34 3.85 17.78 0.86
N THR B 35 3.23 17.21 -0.18
CA THR B 35 1.93 17.65 -0.66
C THR B 35 0.84 16.74 -0.14
N TYR B 36 -0.15 17.34 0.49
CA TYR B 36 -1.32 16.62 0.93
C TYR B 36 -2.56 17.12 0.22
N GLN B 37 -3.53 16.22 0.07
CA GLN B 37 -4.86 16.58 -0.39
C GLN B 37 -5.89 16.12 0.62
N VAL B 38 -6.80 17.01 0.92
CA VAL B 38 -7.99 16.71 1.70
C VAL B 38 -9.21 16.86 0.77
N GLN B 39 -10.01 15.80 0.65
CA GLN B 39 -11.14 15.80 -0.26
C GLN B 39 -12.42 15.59 0.49
N PHE B 40 -13.48 16.23 0.01
CA PHE B 40 -14.81 16.13 0.60
C PHE B 40 -15.81 16.68 -0.42
N GLN B 41 -17.09 16.45 -0.16
CA GLN B 41 -18.13 16.87 -1.06
C GLN B 41 -18.77 18.16 -0.58
N ILE B 42 -19.04 19.06 -1.52
CA ILE B 42 -19.93 20.17 -1.26
C ILE B 42 -21.36 19.64 -1.20
N PRO B 43 -22.10 19.93 -0.12
CA PRO B 43 -23.48 19.43 -0.05
C PRO B 43 -24.30 19.86 -1.27
N HIS B 44 -25.20 18.98 -1.70
CA HIS B 44 -26.10 19.32 -2.79
C HIS B 44 -26.97 20.52 -2.45
N ASP B 45 -27.18 20.79 -1.15
CA ASP B 45 -28.05 21.88 -0.70
C ASP B 45 -27.28 23.03 -0.05
N ILE B 46 -26.02 23.16 -0.40
CA ILE B 46 -25.15 24.18 0.17
C ILE B 46 -25.74 25.56 0.03
N GLY B 47 -26.48 25.81 -1.05
CA GLY B 47 -27.05 27.12 -1.30
C GLY B 47 -28.46 27.30 -0.78
N ALA B 48 -29.02 26.28 -0.14
CA ALA B 48 -30.45 26.28 0.20
C ALA B 48 -30.75 27.29 1.32
N LEU B 49 -31.95 27.87 1.24
CA LEU B 49 -32.50 28.57 2.37
C LEU B 49 -33.00 27.54 3.37
N ALA B 50 -32.96 27.89 4.64
CA ALA B 50 -33.48 27.04 5.68
C ALA B 50 -34.98 26.83 5.47
N ASP B 51 -35.43 25.59 5.56
CA ASP B 51 -36.84 25.18 5.37
C ASP B 51 -37.83 25.89 6.31
N HIS B 52 -37.39 26.09 7.54
CA HIS B 52 -38.32 26.34 8.65
C HIS B 52 -38.15 27.72 9.24
N SER B 53 -37.21 28.51 8.71
CA SER B 53 -36.93 29.85 9.25
C SER B 53 -36.70 30.78 8.07
N GLN B 54 -37.33 31.94 8.15
CA GLN B 54 -37.27 32.93 7.10
C GLN B 54 -35.93 33.71 7.10
N ASP B 55 -35.49 34.09 5.91
CA ASP B 55 -34.30 34.91 5.73
C ASP B 55 -33.10 34.28 6.46
N THR B 56 -33.02 32.96 6.38
CA THR B 56 -31.95 32.20 7.01
C THR B 56 -31.41 31.22 5.96
N PHE B 57 -30.08 31.08 5.88
CA PHE B 57 -29.47 30.04 5.02
C PHE B 57 -29.36 28.76 5.79
N LYS B 58 -29.51 27.62 5.12
CA LYS B 58 -29.36 26.36 5.79
C LYS B 58 -27.93 26.20 6.35
N TYR B 59 -26.93 26.62 5.56
CA TYR B 59 -25.55 26.48 5.96
C TYR B 59 -24.94 27.80 6.27
N ASN B 60 -24.41 27.90 7.49
CA ASN B 60 -23.70 29.11 7.91
C ASN B 60 -22.28 28.84 8.37
N GLN B 61 -21.87 27.58 8.26
CA GLN B 61 -20.52 27.16 8.58
C GLN B 61 -20.13 26.05 7.61
N PHE B 62 -18.88 26.07 7.16
CA PHE B 62 -18.32 25.00 6.37
C PHE B 62 -16.81 25.06 6.60
N LYS B 63 -16.39 24.31 7.62
CA LYS B 63 -15.06 24.46 8.20
C LYS B 63 -14.21 23.24 7.87
N VAL B 64 -12.96 23.49 7.50
CA VAL B 64 -11.96 22.44 7.34
C VAL B 64 -10.82 22.73 8.30
N LEU B 65 -10.56 21.80 9.21
CA LEU B 65 -9.49 21.92 10.18
C LEU B 65 -8.51 20.77 9.97
N ASP B 66 -7.22 21.08 9.84
CA ASP B 66 -6.21 20.05 9.69
C ASP B 66 -5.13 20.32 10.70
N TYR B 67 -4.69 19.32 11.43
CA TYR B 67 -3.65 19.55 12.42
C TYR B 67 -2.79 18.35 12.70
N MET B 68 -1.60 18.61 13.26
CA MET B 68 -0.73 17.57 13.81
C MET B 68 -0.52 17.90 15.26
N THR B 69 -0.50 16.89 16.11
CA THR B 69 -0.20 17.10 17.53
C THR B 69 1.29 17.06 17.83
N LYS B 70 2.06 16.43 16.95
CA LYS B 70 3.49 16.31 17.12
C LYS B 70 4.26 17.22 16.19
N GLU B 71 5.45 17.62 16.62
CA GLU B 71 6.33 18.45 15.81
C GLU B 71 6.95 17.66 14.69
N GLY B 72 7.47 18.38 13.70
CA GLY B 72 8.20 17.76 12.61
C GLY B 72 7.90 18.39 11.26
N LEU B 73 6.76 19.08 11.12
CA LEU B 73 6.37 19.69 9.85
C LEU B 73 6.10 21.20 10.04
N THR B 74 6.55 22.01 9.08
CA THR B 74 6.27 23.45 9.04
C THR B 74 5.33 23.73 7.89
N PHE B 75 4.23 24.45 8.15
CA PHE B 75 3.30 24.75 7.04
C PHE B 75 4.00 25.56 5.96
N LYS B 76 3.77 25.22 4.70
CA LYS B 76 4.36 25.95 3.59
C LYS B 76 3.29 26.78 2.90
N ALA B 77 2.33 26.13 2.22
CA ALA B 77 1.33 26.89 1.49
C ALA B 77 0.07 26.11 1.30
N LEU B 78 -1.04 26.85 1.23
CA LEU B 78 -2.26 26.37 0.64
C LEU B 78 -2.13 26.50 -0.86
N THR B 79 -2.02 25.39 -1.58
CA THR B 79 -1.58 25.43 -2.98
C THR B 79 -2.72 25.46 -3.99
N ALA B 80 -3.85 24.79 -3.69
CA ALA B 80 -4.98 24.83 -4.60
C ALA B 80 -6.25 24.41 -3.87
N ILE B 81 -7.39 24.89 -4.35
CA ILE B 81 -8.67 24.34 -3.97
C ILE B 81 -9.45 24.09 -5.24
N THR B 82 -9.65 22.82 -5.57
CA THR B 82 -10.14 22.47 -6.91
C THR B 82 -11.42 21.69 -6.82
N VAL B 83 -12.33 21.97 -7.75
CA VAL B 83 -13.58 21.20 -7.84
C VAL B 83 -13.98 21.09 -9.29
N ASP B 84 -14.29 19.88 -9.74
CA ASP B 84 -14.62 19.63 -11.15
C ASP B 84 -13.49 20.11 -12.11
N GLY B 85 -12.23 20.02 -11.67
CA GLY B 85 -11.10 20.49 -12.48
C GLY B 85 -10.84 21.97 -12.41
N GLN B 86 -11.71 22.73 -11.73
CA GLN B 86 -11.58 24.18 -11.64
C GLN B 86 -10.90 24.57 -10.32
N ASP B 87 -9.82 25.34 -10.41
CA ASP B 87 -9.19 25.91 -9.20
C ASP B 87 -9.99 27.14 -8.79
N ILE B 88 -10.55 27.10 -7.60
CA ILE B 88 -11.35 28.22 -7.11
C ILE B 88 -10.63 28.98 -6.00
N LEU B 89 -9.36 28.66 -5.76
CA LEU B 89 -8.64 29.31 -4.67
C LEU B 89 -8.53 30.81 -4.89
N LYS B 90 -8.26 31.22 -6.11
CA LYS B 90 -8.15 32.67 -6.39
C LYS B 90 -9.46 33.37 -6.12
N ALA B 91 -10.56 32.77 -6.52
CA ALA B 91 -11.91 33.36 -6.32
C ALA B 91 -12.28 33.42 -4.83
N LEU B 92 -11.81 32.45 -4.05
CA LEU B 92 -12.09 32.37 -2.60
C LEU B 92 -11.20 33.28 -1.78
N THR B 93 -10.00 33.53 -2.27
CA THR B 93 -9.02 34.33 -1.54
C THR B 93 -9.53 35.72 -1.20
N GLY B 94 -9.44 36.05 0.09
CA GLY B 94 -10.00 37.31 0.62
C GLY B 94 -11.48 37.25 0.99
N LYS B 95 -12.19 36.17 0.60
CA LYS B 95 -13.62 36.08 0.89
C LYS B 95 -13.89 35.08 1.99
N MET B 96 -13.14 33.98 1.99
CA MET B 96 -13.19 32.99 3.04
C MET B 96 -12.29 33.39 4.20
N ALA B 97 -12.37 32.63 5.29
CA ALA B 97 -11.41 32.76 6.37
C ALA B 97 -10.38 31.66 6.27
N PHE B 98 -9.12 32.02 6.38
CA PHE B 98 -8.02 31.02 6.40
C PHE B 98 -6.92 31.45 7.35
N MET B 99 -6.43 30.51 8.16
CA MET B 99 -5.20 30.72 8.91
C MET B 99 -4.45 29.41 9.01
N SER B 100 -3.14 29.50 9.13
CA SER B 100 -2.29 28.34 9.33
C SER B 100 -1.42 28.49 10.56
N SER B 101 -0.62 27.46 10.85
CA SER B 101 0.25 27.49 11.99
C SER B 101 1.42 28.45 11.80
N ASN B 102 1.55 29.03 10.59
CA ASN B 102 2.55 30.11 10.39
C ASN B 102 2.02 31.48 10.79
N ASP B 103 0.73 31.57 11.08
CA ASP B 103 0.10 32.82 11.48
C ASP B 103 0.08 32.94 12.99
N ALA B 104 0.34 34.15 13.48
CA ALA B 104 0.33 34.42 14.92
C ALA B 104 -1.00 34.09 15.59
N ALA B 105 -2.10 34.16 14.83
CA ALA B 105 -3.45 33.87 15.34
C ALA B 105 -3.68 32.39 15.67
N TRP B 106 -2.89 31.51 15.06
CA TRP B 106 -3.09 30.07 15.21
C TRP B 106 -2.99 29.65 16.66
N GLN B 107 -1.89 30.06 17.29
CA GLN B 107 -1.64 29.76 18.67
C GLN B 107 -2.75 30.22 19.60
N GLN B 108 -3.48 31.27 19.22
CA GLN B 108 -4.58 31.78 20.02
C GLN B 108 -5.71 30.76 20.20
N THR B 109 -5.99 29.98 19.17
CA THR B 109 -7.16 29.09 19.18
C THR B 109 -6.75 27.63 19.20
N HIS B 110 -5.54 27.33 18.74
CA HIS B 110 -5.11 25.94 18.53
C HIS B 110 -3.75 25.74 19.14
N ASN B 111 -3.69 24.84 20.11
CA ASN B 111 -2.43 24.38 20.62
C ASN B 111 -1.99 23.12 19.87
N TYR B 112 -1.69 23.29 18.60
CA TYR B 112 -1.04 22.26 17.77
C TYR B 112 0.15 22.87 17.06
N PRO B 113 1.24 22.11 16.90
CA PRO B 113 2.42 22.70 16.24
C PRO B 113 2.27 22.93 14.72
N PHE B 114 1.36 22.21 14.10
CA PHE B 114 1.14 22.32 12.66
C PHE B 114 -0.34 22.30 12.40
N GLY B 115 -0.77 23.07 11.42
CA GLY B 115 -2.08 22.86 10.81
C GLY B 115 -2.62 24.08 10.10
N PHE B 116 -3.87 23.98 9.67
CA PHE B 116 -4.59 25.12 9.17
C PHE B 116 -6.07 24.99 9.44
N GLU B 117 -6.77 26.13 9.39
CA GLU B 117 -8.22 26.13 9.46
C GLU B 117 -8.78 27.03 8.37
N LEU B 118 -9.70 26.48 7.60
CA LEU B 118 -10.36 27.19 6.50
C LEU B 118 -11.81 27.21 6.83
N ASP B 119 -12.40 28.38 6.95
CA ASP B 119 -13.83 28.48 7.23
C ASP B 119 -14.45 29.13 6.01
N PHE B 120 -15.06 28.36 5.15
CA PHE B 120 -15.55 28.89 3.86
C PHE B 120 -16.47 30.08 4.08
N LEU B 121 -17.26 30.03 5.16
CA LEU B 121 -18.35 30.99 5.39
C LEU B 121 -18.04 31.87 6.63
N GLY B 122 -16.79 31.86 7.07
CA GLY B 122 -16.36 32.66 8.21
C GLY B 122 -15.50 33.87 7.87
N GLY B 123 -15.40 34.20 6.57
CA GLY B 123 -14.65 35.35 6.14
C GLY B 123 -15.51 36.60 6.04
N THR B 124 -14.99 37.55 5.29
CA THR B 124 -15.64 38.85 5.08
C THR B 124 -16.80 38.78 4.11
N ASP B 125 -16.84 37.74 3.24
CA ASP B 125 -17.86 37.65 2.20
C ASP B 125 -18.51 36.28 2.12
N PRO B 126 -19.18 35.86 3.18
CA PRO B 126 -19.76 34.52 3.17
C PRO B 126 -20.80 34.32 2.10
N ASP B 127 -21.60 35.33 1.81
CA ASP B 127 -22.68 35.09 0.81
C ASP B 127 -22.05 34.82 -0.58
N ALA B 128 -21.00 35.53 -0.91
CA ALA B 128 -20.27 35.30 -2.16
C ALA B 128 -19.66 33.92 -2.22
N VAL B 129 -19.16 33.45 -1.09
CA VAL B 129 -18.57 32.12 -1.04
C VAL B 129 -19.66 31.09 -1.17
N ARG B 130 -20.77 31.30 -0.46
CA ARG B 130 -21.87 30.32 -0.57
C ARG B 130 -22.34 30.23 -2.05
N ASN B 131 -22.44 31.37 -2.70
CA ASN B 131 -22.90 31.41 -4.08
C ASN B 131 -21.92 30.64 -5.00
N LEU B 132 -20.62 30.82 -4.77
CA LEU B 132 -19.62 30.10 -5.53
C LEU B 132 -19.75 28.58 -5.32
N LEU B 133 -19.85 28.15 -4.06
CA LEU B 133 -19.94 26.73 -3.77
C LEU B 133 -21.21 26.13 -4.37
N THR B 134 -22.28 26.93 -4.45
CA THR B 134 -23.55 26.47 -5.00
C THR B 134 -23.41 26.11 -6.48
N GLN B 135 -22.52 26.80 -7.19
CA GLN B 135 -22.23 26.44 -8.60
C GLN B 135 -21.69 25.01 -8.73
N TYR B 136 -21.10 24.49 -7.65
CA TYR B 136 -20.54 23.15 -7.63
C TYR B 136 -21.18 22.24 -6.60
N ALA B 137 -22.45 22.52 -6.29
CA ALA B 137 -23.20 21.72 -5.36
C ALA B 137 -23.13 20.23 -5.70
N GLY B 138 -22.83 19.41 -4.69
CA GLY B 138 -22.73 17.94 -4.88
C GLY B 138 -21.38 17.45 -5.40
N LYS B 139 -20.45 18.34 -5.72
CA LYS B 139 -19.17 17.94 -6.32
C LYS B 139 -18.06 17.84 -5.30
N ARG B 140 -17.02 17.09 -5.66
CA ARG B 140 -15.88 16.84 -4.80
C ARG B 140 -14.92 18.03 -4.86
N VAL B 141 -14.53 18.53 -3.70
CA VAL B 141 -13.50 19.58 -3.58
C VAL B 141 -12.24 18.91 -3.09
N THR B 142 -11.13 19.38 -3.62
CA THR B 142 -9.80 18.98 -3.16
C THR B 142 -9.08 20.21 -2.63
N VAL B 143 -8.74 20.17 -1.36
CA VAL B 143 -7.88 21.20 -0.77
C VAL B 143 -6.47 20.62 -0.72
N ALA B 144 -5.54 21.30 -1.41
CA ALA B 144 -4.15 20.83 -1.48
C ALA B 144 -3.28 21.81 -0.75
N TYR B 145 -2.28 21.28 -0.05
CA TYR B 145 -1.36 22.11 0.70
C TYR B 145 -0.05 21.40 0.87
N THR B 146 0.96 22.17 1.21
CA THR B 146 2.29 21.65 1.42
C THR B 146 2.85 21.98 2.79
N GLY B 147 3.71 21.09 3.27
CA GLY B 147 4.48 21.32 4.48
C GLY B 147 5.91 20.87 4.26
N ILE B 148 6.79 21.37 5.12
CA ILE B 148 8.21 21.11 5.01
C ILE B 148 8.67 20.35 6.24
N VAL B 149 9.33 19.22 6.02
CA VAL B 149 9.89 18.45 7.13
C VAL B 149 11.02 19.25 7.76
N ASN B 150 10.96 19.45 9.08
CA ASN B 150 11.89 20.34 9.74
C ASN B 150 12.79 19.56 10.72
N GLU B 151 13.70 20.29 11.35
CA GLU B 151 14.70 19.67 12.24
C GLU B 151 14.10 19.04 13.52
N LYS B 152 12.81 19.31 13.80
CA LYS B 152 12.13 18.68 14.92
C LYS B 152 11.51 17.34 14.58
N MET B 153 11.63 16.96 13.31
CA MET B 153 11.28 15.60 12.89
C MET B 153 12.42 14.65 13.29
N ILE B 154 12.19 13.88 14.33
CA ILE B 154 13.21 13.03 14.93
C ILE B 154 12.91 11.58 14.62
N PRO B 155 13.94 10.73 14.55
CA PRO B 155 13.67 9.30 14.42
C PRO B 155 12.96 8.72 15.63
N ASP B 156 12.45 7.50 15.48
CA ASP B 156 11.74 6.77 16.54
C ASP B 156 10.42 7.41 16.90
N GLN B 157 9.85 8.14 15.95
CA GLN B 157 8.58 8.82 16.20
C GLN B 157 7.77 8.89 14.90
N LYS B 158 6.65 8.18 14.89
CA LYS B 158 5.67 8.33 13.83
C LYS B 158 4.76 9.48 14.15
N VAL B 159 4.58 10.37 13.18
CA VAL B 159 3.69 11.50 13.39
C VAL B 159 2.60 11.48 12.31
N GLY B 160 1.39 11.78 12.72
CA GLY B 160 0.26 11.77 11.81
C GLY B 160 -0.43 13.11 11.81
N ASN B 161 -1.52 13.19 11.08
CA ASN B 161 -2.37 14.36 11.11
C ASN B 161 -3.80 13.95 11.05
N THR B 162 -4.66 14.90 11.34
CA THR B 162 -6.09 14.70 11.44
C THR B 162 -6.75 15.84 10.69
N ALA B 163 -7.75 15.49 9.88
CA ALA B 163 -8.56 16.50 9.18
C ALA B 163 -9.98 16.35 9.60
N GLU B 164 -10.65 17.49 9.76
CA GLU B 164 -12.05 17.53 10.24
C GLU B 164 -12.83 18.44 9.30
N VAL B 165 -13.98 18.00 8.82
CA VAL B 165 -14.90 18.87 8.07
C VAL B 165 -16.18 18.96 8.85
N SER B 166 -16.69 20.18 9.08
CA SER B 166 -17.90 20.36 9.89
C SER B 166 -18.78 21.45 9.36
N PHE B 167 -20.09 21.23 9.51
CA PHE B 167 -21.09 22.26 9.20
C PHE B 167 -21.78 22.79 10.48
N LYS B 172 -19.93 16.82 11.95
CA LYS B 172 -18.46 16.79 11.82
C LYS B 172 -17.95 15.39 11.43
N ILE B 173 -17.03 15.32 10.47
CA ILE B 173 -16.37 14.08 10.10
C ILE B 173 -14.91 14.32 10.27
N THR B 174 -14.21 13.34 10.86
CA THR B 174 -12.79 13.39 11.09
C THR B 174 -12.13 12.20 10.41
N VAL B 175 -10.96 12.40 9.81
CA VAL B 175 -10.12 11.29 9.37
C VAL B 175 -8.68 11.51 9.75
N ASN B 176 -7.91 10.45 9.78
CA ASN B 176 -6.45 10.56 9.95
C ASN B 176 -5.71 10.35 8.66
N GLY B 177 -4.73 11.23 8.38
CA GLY B 177 -3.88 11.05 7.22
C GLY B 177 -2.85 9.97 7.48
N PRO B 178 -1.95 9.76 6.52
CA PRO B 178 -0.90 8.81 6.71
C PRO B 178 0.07 9.29 7.76
N GLU B 179 0.87 8.37 8.26
N GLU B 179 0.77 8.33 8.37
CA GLU B 179 1.89 8.73 9.18
CA GLU B 179 1.90 8.64 9.25
C GLU B 179 3.19 8.89 8.46
C GLU B 179 3.13 9.00 8.40
N ILE B 180 4.04 9.77 8.99
CA ILE B 180 5.36 9.98 8.42
C ILE B 180 6.38 9.74 9.52
N GLN B 181 7.56 9.34 9.09
CA GLN B 181 8.68 9.06 10.01
C GLN B 181 9.99 9.34 9.26
N THR B 182 11.07 9.53 10.02
CA THR B 182 12.38 9.69 9.46
C THR B 182 13.40 8.78 10.15
N GLY B 183 14.57 8.68 9.54
CA GLY B 183 15.64 7.82 10.03
C GLY B 183 16.82 8.60 10.53
N GLY B 184 17.66 7.92 11.28
CA GLY B 184 18.90 8.48 11.75
C GLY B 184 19.94 7.39 11.94
N ILE B 185 21.17 7.79 12.22
CA ILE B 185 22.25 6.84 12.47
C ILE B 185 23.22 7.45 13.47
N ARG B 186 23.83 6.59 14.29
CA ARG B 186 24.89 7.00 15.23
C ARG B 186 26.14 6.15 15.03
N PHE B 187 27.29 6.82 15.14
CA PHE B 187 28.60 6.18 15.10
C PHE B 187 29.36 6.48 16.37
N PHE B 188 30.29 5.59 16.68
CA PHE B 188 31.27 5.87 17.73
C PHE B 188 32.66 5.62 17.20
N LYS B 189 33.36 6.73 16.92
CA LYS B 189 34.71 6.71 16.42
C LYS B 189 35.67 6.66 17.59
N HIS B 190 36.53 5.65 17.61
CA HIS B 190 37.38 5.40 18.78
C HIS B 190 38.77 5.00 18.36
N GLU B 191 39.69 5.01 19.32
CA GLU B 191 41.04 4.51 19.10
C GLU B 191 41.00 2.99 19.03
N ALA B 192 41.73 2.43 18.07
CA ALA B 192 41.83 0.97 17.95
C ALA B 192 42.31 0.42 19.29
N GLY B 193 41.67 -0.65 19.71
CA GLY B 193 42.11 -1.40 20.89
C GLY B 193 41.42 -0.97 22.16
N SER B 194 40.63 0.10 22.11
CA SER B 194 39.96 0.61 23.30
C SER B 194 38.68 1.36 22.96
N SER B 195 38.00 1.86 23.98
N SER B 195 38.00 1.83 24.00
CA SER B 195 36.78 2.66 23.77
CA SER B 195 36.78 2.62 23.85
C SER B 195 37.02 4.15 23.96
C SER B 195 37.02 4.14 23.89
N LYS B 196 38.29 4.56 23.86
CA LYS B 196 38.62 5.97 23.92
C LYS B 196 38.07 6.70 22.71
N SER B 197 37.22 7.69 22.97
CA SER B 197 36.60 8.52 21.91
C SER B 197 37.64 9.29 21.16
N LEU B 198 37.55 9.29 19.82
CA LEU B 198 38.49 10.01 18.97
C LEU B 198 37.77 11.14 18.27
N ALA B 199 38.02 12.36 18.74
CA ALA B 199 37.46 13.57 18.19
C ALA B 199 38.25 13.99 16.95
N ASN B 200 37.58 14.79 16.13
CA ASN B 200 38.23 15.56 15.06
C ASN B 200 38.60 14.76 13.84
N ALA B 201 38.05 13.55 13.70
CA ALA B 201 38.11 12.84 12.43
C ALA B 201 37.05 13.41 11.49
N THR B 202 37.33 13.33 10.20
CA THR B 202 36.43 13.90 9.17
C THR B 202 35.85 12.80 8.31
N PHE B 203 34.54 12.92 8.05
CA PHE B 203 33.80 12.00 7.22
C PHE B 203 32.93 12.73 6.22
N ILE B 204 32.57 12.03 5.16
CA ILE B 204 31.46 12.43 4.30
C ILE B 204 30.51 11.27 4.16
N LEU B 205 29.26 11.57 3.78
CA LEU B 205 28.25 10.53 3.63
C LEU B 205 27.96 10.26 2.16
N GLN B 206 27.99 8.99 1.79
CA GLN B 206 27.85 8.56 0.40
C GLN B 206 26.68 7.62 0.27
N ARG B 207 26.05 7.64 -0.91
CA ARG B 207 25.08 6.60 -1.26
C ARG B 207 25.24 6.22 -2.71
N MET B 208 24.65 5.08 -3.07
CA MET B 208 24.45 4.74 -4.48
C MET B 208 22.98 4.92 -4.76
N ASN B 209 22.67 5.88 -5.63
CA ASN B 209 21.31 6.10 -6.08
C ASN B 209 21.25 5.41 -7.44
N GLY B 210 20.67 4.22 -7.48
CA GLY B 210 20.93 3.33 -8.58
C GLY B 210 22.40 3.05 -8.71
N ASN B 211 22.96 3.17 -9.91
CA ASN B 211 24.35 2.91 -10.09
C ASN B 211 25.20 4.18 -10.06
N VAL B 212 24.65 5.25 -9.49
CA VAL B 212 25.33 6.55 -9.44
C VAL B 212 25.72 6.87 -7.99
N ARG B 213 27.01 7.10 -7.80
CA ARG B 213 27.50 7.46 -6.49
C ARG B 213 27.25 8.94 -6.22
N GLU B 214 26.69 9.22 -5.05
CA GLU B 214 26.39 10.59 -4.66
C GLU B 214 26.83 10.84 -3.24
N TYR B 215 26.92 12.10 -2.86
CA TYR B 215 27.41 12.50 -1.54
C TYR B 215 26.48 13.55 -0.93
N ALA B 216 26.38 13.54 0.39
CA ALA B 216 25.41 14.35 1.09
C ALA B 216 25.87 15.76 1.30
N VAL B 217 24.94 16.69 1.01
CA VAL B 217 25.07 18.09 1.37
C VAL B 217 24.02 18.42 2.47
N LEU B 218 24.51 18.74 3.65
CA LEU B 218 23.66 19.05 4.79
C LEU B 218 23.54 20.53 4.92
N GLU B 219 22.30 21.03 4.89
CA GLU B 219 22.04 22.44 5.12
C GLU B 219 21.81 22.68 6.61
N GLY B 220 22.19 23.85 7.08
CA GLY B 220 21.89 24.27 8.44
C GLY B 220 22.80 23.74 9.51
N VAL B 221 23.99 23.25 9.12
CA VAL B 221 24.89 22.64 10.11
C VAL B 221 26.22 23.41 10.34
N ASN B 222 26.31 24.65 9.88
CA ASN B 222 27.50 25.46 10.21
C ASN B 222 27.55 25.57 11.72
N GLY B 223 28.69 25.26 12.27
CA GLY B 223 28.87 25.36 13.72
C GLY B 223 28.44 24.14 14.49
N MET B 224 27.89 23.13 13.82
CA MET B 224 27.62 21.85 14.46
C MET B 224 28.80 20.90 14.28
N ALA B 225 29.05 20.09 15.29
CA ALA B 225 30.09 19.09 15.25
C ALA B 225 29.66 17.91 16.09
N GLY B 226 29.92 16.70 15.60
CA GLY B 226 29.48 15.51 16.30
C GLY B 226 28.01 15.20 16.00
N THR B 227 27.13 16.01 16.56
N THR B 227 27.10 15.95 16.60
CA THR B 227 25.69 15.89 16.39
CA THR B 227 25.66 15.74 16.37
C THR B 227 25.23 16.72 15.22
C THR B 227 25.18 16.67 15.28
N TYR B 228 24.66 16.08 14.20
CA TYR B 228 24.19 16.81 13.03
C TYR B 228 22.68 16.74 12.92
N GLN B 229 22.06 17.92 12.91
CA GLN B 229 20.63 18.07 12.83
C GLN B 229 20.34 19.05 11.68
N PRO B 230 20.49 18.57 10.45
CA PRO B 230 20.32 19.46 9.29
C PRO B 230 18.89 19.91 9.06
N THR B 231 18.76 20.99 8.32
CA THR B 231 17.44 21.46 7.86
C THR B 231 17.06 20.85 6.51
N LYS B 232 18.06 20.32 5.80
CA LYS B 232 17.84 19.70 4.51
C LYS B 232 19.02 18.83 4.18
N ILE B 233 18.76 17.71 3.52
CA ILE B 233 19.84 16.87 2.99
C ILE B 233 19.61 16.69 1.52
N THR B 234 20.55 17.17 0.72
CA THR B 234 20.54 16.95 -0.71
C THR B 234 21.78 16.19 -1.13
N TRP B 235 21.84 15.82 -2.40
CA TRP B 235 22.86 14.92 -2.93
C TRP B 235 23.53 15.47 -4.13
N THR B 236 24.85 15.28 -4.21
CA THR B 236 25.65 15.79 -5.31
C THR B 236 26.56 14.71 -5.83
N THR B 237 26.93 14.77 -7.09
CA THR B 237 27.95 13.91 -7.61
C THR B 237 29.35 14.53 -7.55
N ASN B 238 29.45 15.76 -7.03
CA ASN B 238 30.74 16.41 -6.78
C ASN B 238 31.19 16.14 -5.35
N GLN B 239 32.08 15.18 -5.17
CA GLN B 239 32.50 14.77 -3.86
C GLN B 239 33.05 15.96 -3.03
N ASP B 240 33.70 16.92 -3.68
CA ASP B 240 34.28 18.04 -2.92
C ASP B 240 33.23 19.01 -2.44
N ALA B 241 31.99 18.89 -2.94
CA ALA B 241 30.88 19.70 -2.44
C ALA B 241 30.18 19.08 -1.23
N ALA B 242 30.53 17.83 -0.92
CA ALA B 242 29.88 17.13 0.21
C ALA B 242 30.22 17.80 1.52
N THR B 243 29.28 17.80 2.44
CA THR B 243 29.53 18.38 3.76
C THR B 243 30.50 17.49 4.52
N ARG B 244 31.53 18.11 5.06
CA ARG B 244 32.47 17.42 5.93
C ARG B 244 31.91 17.35 7.34
N LEU B 245 31.84 16.15 7.84
CA LEU B 245 31.27 15.88 9.16
C LEU B 245 32.40 15.54 10.12
N LYS B 246 32.36 16.06 11.32
CA LYS B 246 33.48 15.90 12.29
C LYS B 246 32.99 15.11 13.49
N THR B 247 33.83 14.20 14.00
CA THR B 247 33.53 13.56 15.26
C THR B 247 33.84 14.49 16.43
N SER B 248 33.00 14.41 17.45
CA SER B 248 33.29 15.06 18.73
C SER B 248 34.11 14.12 19.60
N GLY B 249 34.42 14.58 20.83
CA GLY B 249 35.01 13.71 21.83
C GLY B 249 34.03 13.06 22.79
N ALA B 250 32.76 13.02 22.40
CA ALA B 250 31.70 12.45 23.25
C ALA B 250 31.88 10.96 23.49
N GLU B 251 31.28 10.48 24.59
CA GLU B 251 31.56 9.14 25.15
C GLU B 251 30.98 7.92 24.45
N THR B 252 29.78 8.07 23.92
CA THR B 252 28.88 6.97 23.56
C THR B 252 28.65 6.96 22.03
N ALA B 253 28.42 8.14 21.51
CA ALA B 253 28.23 8.33 20.07
C ALA B 253 28.73 9.72 19.76
N ASN B 254 29.74 9.80 18.93
CA ASN B 254 30.39 11.06 18.65
C ASN B 254 30.26 11.51 17.20
N LEU B 255 29.39 10.82 16.45
CA LEU B 255 28.91 11.33 15.15
C LEU B 255 27.53 10.82 14.94
N THR B 256 26.55 11.72 14.82
CA THR B 256 25.18 11.29 14.59
C THR B 256 24.54 12.17 13.53
N ILE B 257 23.63 11.60 12.79
CA ILE B 257 22.93 12.27 11.73
C ILE B 257 21.48 11.86 11.76
N GLN B 258 20.60 12.83 11.68
CA GLN B 258 19.16 12.52 11.61
C GLN B 258 18.53 13.15 10.37
N GLY B 259 17.36 12.66 10.00
CA GLY B 259 16.64 13.21 8.82
C GLY B 259 16.91 12.48 7.52
N LEU B 260 17.41 11.24 7.63
CA LEU B 260 17.80 10.45 6.47
C LEU B 260 16.68 9.51 6.00
N LEU B 261 16.64 9.26 4.69
CA LEU B 261 15.83 8.19 4.14
C LEU B 261 16.40 6.83 4.44
N PRO B 262 15.54 5.80 4.53
CA PRO B 262 16.06 4.49 4.72
C PRO B 262 16.82 3.98 3.52
N GLY B 263 17.74 3.05 3.77
CA GLY B 263 18.48 2.39 2.71
C GLY B 263 19.95 2.30 3.05
N ARG B 264 20.74 1.94 2.05
CA ARG B 264 22.16 1.64 2.21
C ARG B 264 22.99 2.90 1.96
N TYR B 265 23.99 3.10 2.80
CA TYR B 265 24.90 4.22 2.71
C TYR B 265 26.30 3.75 2.98
N THR B 266 27.26 4.63 2.72
CA THR B 266 28.64 4.43 3.14
C THR B 266 29.15 5.68 3.79
N LEU B 267 29.70 5.55 4.99
CA LEU B 267 30.42 6.66 5.62
C LEU B 267 31.87 6.60 5.23
N VAL B 268 32.40 7.70 4.69
CA VAL B 268 33.72 7.70 4.09
C VAL B 268 34.62 8.60 4.91
N GLU B 269 35.69 8.04 5.48
CA GLU B 269 36.60 8.83 6.32
C GLU B 269 37.59 9.55 5.41
N THR B 270 37.53 10.88 5.43
CA THR B 270 38.37 11.68 4.55
C THR B 270 39.57 12.31 5.26
N ALA B 271 39.60 12.28 6.58
CA ALA B 271 40.81 12.67 7.33
C ALA B 271 40.77 12.17 8.73
N ALA B 272 41.91 11.79 9.23
CA ALA B 272 42.08 11.40 10.64
C ALA B 272 43.07 12.38 11.28
N PRO B 273 43.06 12.50 12.64
CA PRO B 273 44.06 13.28 13.33
C PRO B 273 45.46 12.75 13.09
N GLU B 274 46.44 13.61 13.35
CA GLU B 274 47.81 13.30 13.06
C GLU B 274 48.21 12.06 13.85
N GLY B 275 48.90 11.19 13.14
CA GLY B 275 49.40 9.97 13.73
C GLY B 275 48.50 8.80 13.42
N TYR B 276 47.33 9.03 12.84
CA TYR B 276 46.41 7.92 12.49
C TYR B 276 46.41 7.69 10.99
N GLU B 277 46.34 6.42 10.62
CA GLU B 277 46.38 6.00 9.22
C GLU B 277 45.04 5.38 8.84
N ILE B 278 44.37 5.99 7.88
CA ILE B 278 43.13 5.46 7.36
C ILE B 278 43.44 4.34 6.38
N LEU B 279 43.43 3.13 6.88
CA LEU B 279 43.54 1.92 6.06
C LEU B 279 42.19 1.52 5.46
N ASP B 280 41.14 1.70 6.25
CA ASP B 280 39.76 1.31 5.89
C ASP B 280 38.87 2.55 5.87
N PRO B 281 38.78 3.25 4.73
CA PRO B 281 38.03 4.51 4.76
C PRO B 281 36.54 4.37 4.73
N THR B 282 36.01 3.18 4.45
CA THR B 282 34.57 3.04 4.21
C THR B 282 33.89 2.21 5.26
N THR B 283 32.76 2.73 5.72
CA THR B 283 31.90 2.00 6.63
C THR B 283 30.52 1.90 5.98
N ASP B 284 30.15 0.70 5.53
CA ASP B 284 28.83 0.46 4.93
C ASP B 284 27.81 0.29 6.04
N PHE B 285 26.66 0.91 5.87
CA PHE B 285 25.63 0.79 6.85
C PHE B 285 24.25 0.98 6.26
N GLU B 286 23.24 0.64 7.06
CA GLU B 286 21.85 0.80 6.66
C GLU B 286 21.16 1.76 7.59
N VAL B 287 20.36 2.68 7.03
CA VAL B 287 19.37 3.41 7.81
C VAL B 287 18.08 2.57 7.75
N ILE B 288 17.59 2.25 8.94
CA ILE B 288 16.37 1.50 9.13
C ILE B 288 15.22 2.46 9.25
N ALA B 289 14.18 2.26 8.46
CA ALA B 289 13.07 3.19 8.42
C ALA B 289 12.51 3.54 9.80
N GLY B 290 12.45 4.84 10.08
CA GLY B 290 11.80 5.35 11.26
C GLY B 290 12.56 5.22 12.54
N THR B 291 13.83 4.82 12.48
CA THR B 291 14.61 4.57 13.69
C THR B 291 16.00 5.08 13.59
N TRP B 292 16.76 4.94 14.68
CA TRP B 292 18.17 5.30 14.71
C TRP B 292 19.08 4.12 14.31
N GLY B 293 18.49 2.99 13.97
CA GLY B 293 19.25 1.80 13.56
C GLY B 293 19.40 0.81 14.67
N THR B 294 19.85 -0.38 14.32
CA THR B 294 20.03 -1.46 15.26
C THR B 294 20.97 -1.12 16.41
N LYS B 295 22.07 -0.47 16.09
CA LYS B 295 23.05 -0.12 17.07
C LYS B 295 23.84 1.09 16.64
N THR B 296 24.52 1.69 17.59
CA THR B 296 25.57 2.65 17.31
C THR B 296 26.75 1.92 16.70
N ILE B 297 27.22 2.41 15.55
CA ILE B 297 28.21 1.71 14.77
C ILE B 297 29.63 2.17 15.12
N ARG B 298 30.44 1.24 15.61
CA ARG B 298 31.80 1.56 16.06
C ARG B 298 32.76 1.58 14.89
N ILE B 299 33.64 2.59 14.90
CA ILE B 299 34.66 2.74 13.84
C ILE B 299 36.00 3.00 14.52
N ALA B 300 36.97 2.15 14.25
CA ALA B 300 38.30 2.28 14.84
C ALA B 300 39.19 3.15 13.99
N ASN B 301 40.11 3.84 14.64
CA ASN B 301 41.21 4.51 13.97
C ASN B 301 42.50 3.98 14.55
N THR B 302 43.38 3.58 13.67
CA THR B 302 44.60 2.88 14.05
C THR B 302 45.77 3.80 13.79
N PRO B 303 46.70 3.90 14.76
CA PRO B 303 47.94 4.61 14.53
C PRO B 303 48.78 4.10 13.37
N VAL B 304 49.42 5.02 12.69
CA VAL B 304 50.44 4.71 11.70
C VAL B 304 51.44 3.68 12.25
N ASN B 305 51.86 3.89 13.49
CA ASN B 305 52.86 3.02 14.08
C ASN B 305 52.41 1.62 14.35
N GLN B 306 51.11 1.36 14.24
CA GLN B 306 50.57 0.01 14.42
C GLN B 306 50.23 -0.65 13.07
N LEU B 307 50.70 -0.06 11.96
CA LEU B 307 50.41 -0.62 10.63
C LEU B 307 51.64 -0.71 9.75
N LEU B 308 52.78 -0.92 10.40
CA LEU B 308 54.08 -0.98 9.73
C LEU B 308 54.25 -2.31 8.96
N PRO B 309 55.20 -2.35 8.00
CA PRO B 309 55.34 -3.57 7.20
C PRO B 309 55.51 -4.82 8.05
N LEU B 310 54.85 -5.90 7.64
CA LEU B 310 54.88 -7.19 8.35
C LEU B 310 56.19 -7.93 8.08
CL CL C . -3.25 -0.89 9.88
CL CL D . 27.53 3.82 -1.17
CL CL E . -21.89 38.62 3.04
CL CL F . -17.26 28.58 8.15
#